data_4WCK
#
_entry.id   4WCK
#
_cell.length_a   53.280
_cell.length_b   66.780
_cell.length_c   145.530
_cell.angle_alpha   90.00
_cell.angle_beta   90.00
_cell.angle_gamma   90.00
#
_symmetry.space_group_name_H-M   'P 21 21 21'
#
loop_
_entity.id
_entity.type
_entity.pdbx_description
1 polymer 'Conserved hypothetical secreted protein'
2 non-polymer 'IODIDE ION'
3 non-polymer '2,6-DIAMINOPIMELIC ACID'
4 water water
#
_entity_poly.entity_id   1
_entity_poly.type   'polypeptide(L)'
_entity_poly.pdbx_seq_one_letter_code
;MGSSHHHHHHSSGLVPRGSSMEMIEKAPTDLEDRDKAPHLLLLAGIQGDEPGGFNATNLFLMHYSVLKGLVEVVPVLNKP
SMLRNHRGLYGDMNRKFAALDKKDPEYPTIQEIKSLIAKPNIDAVLHLHDGGGYYRPVYVDAMLNPKRWGNCFIIDQDEV
KGAKFPNLLAFANNTIESINAHLLHPIEEYHLKNTRTAQGDTEMQKALTFYAINQKKSAFANEASKELPLASRVFYHLQA
IEGLLNQLNIPFKRDFELNPSSVHALINDKSLWAKISSLPKIPLFNLRPRLNHFPLPHNTKIPQIPIESNAYIVGLVKNK
QEVFLKYGNKLMTRLSPFYIEFDPSLEEVKMQIDNKDQMVKIGSVVEVKESFYIHAMDNIRANVIGFSVSNENKPNEAGY
TIRFKDFQKRFSLDKQERIYRIEFYKNNAFSGMILVKFV
;
_entity_poly.pdbx_strand_id   A
#
loop_
_chem_comp.id
_chem_comp.type
_chem_comp.name
_chem_comp.formula
IOD non-polymer 'IODIDE ION' 'I -1'
#
# COMPACT_ATOMS: atom_id res chain seq x y z
N SER A 20 5.46 -10.95 -5.40
CA SER A 20 5.58 -9.99 -4.31
C SER A 20 4.21 -9.42 -3.88
N MET A 21 3.17 -9.79 -4.59
CA MET A 21 1.83 -9.48 -4.10
C MET A 21 1.56 -10.40 -2.91
N GLU A 22 0.59 -9.99 -2.10
CA GLU A 22 0.24 -10.77 -0.94
C GLU A 22 -1.26 -10.66 -0.85
N MET A 23 -1.87 -11.68 -0.25
CA MET A 23 -3.30 -11.63 0.10
C MET A 23 -3.41 -11.44 1.59
N ILE A 24 -4.28 -10.51 1.97
CA ILE A 24 -4.57 -10.20 3.37
C ILE A 24 -6.03 -10.45 3.63
N GLU A 25 -6.36 -11.20 4.67
CA GLU A 25 -7.75 -11.49 5.00
C GLU A 25 -8.35 -10.38 5.86
N LYS A 26 -9.57 -10.00 5.54
N LYS A 26 -9.57 -9.98 5.55
CA LYS A 26 -10.38 -9.19 6.43
CA LYS A 26 -10.36 -9.12 6.44
C LYS A 26 -11.53 -10.07 6.89
C LYS A 26 -11.53 -9.98 6.89
N ALA A 27 -11.47 -10.45 8.13
CA ALA A 27 -12.31 -11.49 8.65
C ALA A 27 -12.93 -11.08 9.99
N PRO A 28 -13.99 -11.76 10.39
CA PRO A 28 -14.56 -11.53 11.72
C PRO A 28 -13.60 -11.96 12.79
N THR A 29 -13.77 -11.44 13.99
CA THR A 29 -12.94 -11.87 15.11
C THR A 29 -13.11 -13.33 15.43
N ASP A 30 -14.33 -13.82 15.34
CA ASP A 30 -14.62 -15.22 15.60
C ASP A 30 -14.51 -15.98 14.30
N LEU A 31 -13.59 -16.96 14.26
CA LEU A 31 -13.39 -17.80 13.10
C LEU A 31 -14.69 -18.44 12.63
N GLU A 32 -15.52 -18.83 13.58
CA GLU A 32 -16.78 -19.49 13.26
C GLU A 32 -17.71 -18.62 12.43
N ASP A 33 -17.54 -17.30 12.48
CA ASP A 33 -18.41 -16.39 11.71
C ASP A 33 -18.05 -16.29 10.23
N ARG A 34 -16.91 -16.85 9.86
CA ARG A 34 -16.49 -16.80 8.46
C ARG A 34 -17.45 -17.50 7.51
N ASP A 35 -18.09 -18.57 7.95
CA ASP A 35 -18.98 -19.27 7.05
C ASP A 35 -20.41 -18.79 7.10
N LYS A 36 -20.65 -17.66 7.78
CA LYS A 36 -22.02 -17.23 8.01
C LYS A 36 -22.46 -16.13 7.02
N ALA A 37 -21.61 -15.73 6.07
CA ALA A 37 -21.99 -14.83 4.99
C ALA A 37 -21.02 -15.11 3.81
N PRO A 38 -21.25 -14.53 2.63
CA PRO A 38 -20.40 -14.83 1.48
C PRO A 38 -18.99 -14.37 1.63
N HIS A 39 -18.16 -14.85 0.70
CA HIS A 39 -16.75 -14.46 0.62
C HIS A 39 -16.49 -13.72 -0.67
N LEU A 40 -15.88 -12.54 -0.55
CA LEU A 40 -15.49 -11.70 -1.65
C LEU A 40 -13.97 -11.67 -1.79
N LEU A 41 -13.45 -11.78 -3.01
CA LEU A 41 -12.04 -11.54 -3.30
C LEU A 41 -11.94 -10.18 -3.96
N LEU A 42 -11.23 -9.25 -3.32
CA LEU A 42 -11.09 -7.85 -3.75
C LEU A 42 -9.66 -7.65 -4.22
N LEU A 43 -9.47 -7.16 -5.46
N LEU A 43 -9.47 -7.22 -5.47
CA LEU A 43 -8.19 -7.10 -6.12
CA LEU A 43 -8.14 -7.03 -5.99
C LEU A 43 -7.99 -5.74 -6.77
C LEU A 43 -8.03 -5.65 -6.62
N ALA A 44 -6.80 -5.17 -6.68
CA ALA A 44 -6.47 -3.92 -7.36
C ALA A 44 -5.02 -3.92 -7.79
N GLY A 45 -4.62 -2.87 -8.50
CA GLY A 45 -3.23 -2.71 -8.85
C GLY A 45 -2.68 -3.67 -9.89
N ILE A 46 -3.52 -4.15 -10.79
CA ILE A 46 -2.99 -4.97 -11.92
C ILE A 46 -2.14 -4.12 -12.87
N GLN A 47 -2.43 -2.82 -12.91
CA GLN A 47 -1.58 -1.81 -13.53
C GLN A 47 -1.00 -0.96 -12.43
N GLY A 48 0.30 -0.71 -12.51
CA GLY A 48 1.02 -0.03 -11.44
C GLY A 48 0.86 1.44 -11.41
N ASP A 49 0.19 2.04 -12.38
CA ASP A 49 -0.03 3.47 -12.44
C ASP A 49 -1.54 3.79 -12.29
N GLU A 50 -2.25 2.96 -11.56
CA GLU A 50 -3.68 3.14 -11.28
C GLU A 50 -3.92 3.20 -9.77
N PRO A 51 -3.49 4.34 -9.17
CA PRO A 51 -3.49 4.39 -7.70
C PRO A 51 -4.84 4.48 -7.03
N GLY A 52 -5.91 4.81 -7.74
CA GLY A 52 -7.19 4.78 -7.09
C GLY A 52 -7.51 3.41 -6.54
N GLY A 53 -7.27 2.40 -7.35
CA GLY A 53 -7.58 1.04 -6.95
C GLY A 53 -6.77 0.58 -5.75
N PHE A 54 -5.44 0.75 -5.77
CA PHE A 54 -4.63 0.24 -4.69
C PHE A 54 -4.62 1.14 -3.45
N ASN A 55 -4.97 2.40 -3.57
CA ASN A 55 -5.23 3.18 -2.36
C ASN A 55 -6.58 2.80 -1.76
N ALA A 56 -7.57 2.43 -2.56
CA ALA A 56 -8.84 1.97 -2.02
C ALA A 56 -8.68 0.64 -1.27
N THR A 57 -7.97 -0.33 -1.84
CA THR A 57 -7.72 -1.57 -1.11
C THR A 57 -6.92 -1.30 0.17
N ASN A 58 -5.96 -0.37 0.10
CA ASN A 58 -5.22 -0.03 1.30
C ASN A 58 -6.11 0.54 2.37
N LEU A 59 -6.96 1.52 2.04
CA LEU A 59 -7.85 2.08 3.03
C LEU A 59 -8.83 1.06 3.58
N PHE A 60 -9.31 0.16 2.72
CA PHE A 60 -10.21 -0.89 3.16
C PHE A 60 -9.55 -1.75 4.21
N LEU A 61 -8.33 -2.17 3.95
CA LEU A 61 -7.59 -3.00 4.89
C LEU A 61 -7.30 -2.27 6.20
N MET A 62 -6.97 -0.99 6.13
CA MET A 62 -6.59 -0.27 7.34
C MET A 62 -7.78 0.16 8.19
N HIS A 63 -8.95 0.37 7.58
CA HIS A 63 -10.04 1.10 8.26
C HIS A 63 -11.41 0.44 8.29
N TYR A 64 -11.56 -0.73 7.69
CA TYR A 64 -12.82 -1.45 7.72
C TYR A 64 -12.71 -2.69 8.58
N SER A 65 -13.88 -3.18 9.00
CA SER A 65 -14.04 -4.44 9.71
C SER A 65 -15.14 -5.23 9.02
N VAL A 66 -14.90 -6.53 8.82
CA VAL A 66 -15.88 -7.44 8.26
C VAL A 66 -16.42 -8.28 9.38
N LEU A 67 -17.75 -8.32 9.53
CA LEU A 67 -18.35 -8.90 10.73
C LEU A 67 -18.85 -10.33 10.59
N LYS A 68 -19.10 -10.73 9.35
CA LYS A 68 -19.49 -12.11 9.05
C LYS A 68 -19.01 -12.35 7.64
N GLY A 69 -18.74 -13.60 7.29
CA GLY A 69 -18.17 -13.87 5.98
C GLY A 69 -16.70 -13.51 5.95
N LEU A 70 -16.22 -13.16 4.78
CA LEU A 70 -14.79 -12.92 4.59
C LEU A 70 -14.56 -12.07 3.37
N VAL A 71 -13.63 -11.14 3.45
CA VAL A 71 -13.11 -10.46 2.29
C VAL A 71 -11.60 -10.72 2.23
N GLU A 72 -11.16 -11.40 1.18
CA GLU A 72 -9.76 -11.59 0.91
C GLU A 72 -9.30 -10.50 0.00
N VAL A 73 -8.19 -9.85 0.31
CA VAL A 73 -7.77 -8.66 -0.44
C VAL A 73 -6.35 -8.82 -0.95
N VAL A 74 -6.15 -8.58 -2.24
CA VAL A 74 -4.82 -8.42 -2.79
C VAL A 74 -4.70 -6.96 -3.09
N PRO A 75 -4.00 -6.21 -2.24
CA PRO A 75 -4.12 -4.77 -2.41
C PRO A 75 -3.45 -4.26 -3.65
N VAL A 76 -2.38 -4.88 -4.10
CA VAL A 76 -1.68 -4.54 -5.32
C VAL A 76 -1.21 -5.83 -5.99
N LEU A 77 -1.79 -6.10 -7.15
CA LEU A 77 -1.45 -7.30 -7.92
C LEU A 77 -0.12 -7.21 -8.61
N ASN A 78 0.29 -6.02 -9.00
CA ASN A 78 1.49 -5.81 -9.79
C ASN A 78 2.41 -4.87 -9.02
N LYS A 79 3.00 -5.39 -7.93
CA LYS A 79 3.76 -4.53 -7.03
C LYS A 79 5.05 -3.96 -7.64
N PRO A 80 5.80 -4.74 -8.43
CA PRO A 80 7.00 -4.18 -9.02
C PRO A 80 6.67 -2.97 -9.89
N SER A 81 5.55 -3.07 -10.62
CA SER A 81 5.17 -1.97 -11.47
C SER A 81 4.64 -0.76 -10.70
N MET A 82 3.90 -0.99 -9.62
CA MET A 82 3.49 0.07 -8.76
C MET A 82 4.71 0.87 -8.25
N LEU A 83 5.77 0.15 -7.85
CA LEU A 83 6.94 0.80 -7.29
C LEU A 83 7.62 1.73 -8.26
N ARG A 84 7.50 1.44 -9.57
CA ARG A 84 8.06 2.25 -10.65
C ARG A 84 6.99 3.09 -11.36
N ASN A 85 5.83 3.25 -10.77
CA ASN A 85 4.78 4.11 -11.33
C ASN A 85 4.53 3.78 -12.80
N HIS A 86 4.40 2.50 -13.04
CA HIS A 86 4.43 1.97 -14.43
C HIS A 86 3.19 1.08 -14.63
N ARG A 87 2.59 1.18 -15.83
CA ARG A 87 1.41 0.39 -16.13
C ARG A 87 1.66 -1.12 -16.10
N GLY A 88 2.87 -1.56 -16.42
CA GLY A 88 3.19 -2.96 -16.35
C GLY A 88 4.56 -3.22 -16.91
N LEU A 89 5.52 -3.46 -16.02
CA LEU A 89 6.89 -3.67 -16.41
C LEU A 89 7.13 -4.87 -17.32
N TYR A 90 6.25 -5.86 -17.16
CA TYR A 90 6.39 -7.13 -17.85
C TYR A 90 5.27 -7.31 -18.84
N GLY A 91 4.67 -6.21 -19.25
CA GLY A 91 3.51 -6.25 -20.16
C GLY A 91 2.19 -6.08 -19.39
N ASP A 92 1.08 -6.25 -20.10
N ASP A 92 1.08 -6.23 -20.11
CA ASP A 92 -0.23 -6.06 -19.53
CA ASP A 92 -0.23 -6.08 -19.53
C ASP A 92 -0.68 -7.31 -18.75
C ASP A 92 -0.62 -7.34 -18.77
N MET A 93 -0.55 -7.27 -17.44
CA MET A 93 -0.88 -8.39 -16.61
C MET A 93 -2.33 -8.81 -16.81
N ASN A 94 -3.21 -7.86 -17.11
CA ASN A 94 -4.63 -8.20 -17.32
C ASN A 94 -4.92 -8.72 -18.71
N ARG A 95 -3.92 -9.16 -19.45
CA ARG A 95 -4.12 -9.90 -20.69
C ARG A 95 -3.43 -11.26 -20.61
N LYS A 96 -3.14 -11.72 -19.38
CA LYS A 96 -2.37 -12.95 -19.19
C LYS A 96 -3.13 -14.10 -18.55
N PHE A 97 -4.47 -14.05 -18.57
CA PHE A 97 -5.28 -15.08 -17.91
C PHE A 97 -5.76 -16.22 -18.83
N ALA A 98 -5.46 -16.14 -20.10
CA ALA A 98 -5.77 -17.21 -21.07
C ALA A 98 -4.42 -17.83 -21.50
N ALA A 99 -4.08 -17.78 -22.79
CA ALA A 99 -2.78 -18.29 -23.24
C ALA A 99 -1.66 -17.52 -22.53
N LEU A 100 -0.64 -18.23 -22.05
CA LEU A 100 0.50 -17.59 -21.41
C LEU A 100 1.71 -18.54 -21.44
N ASP A 101 2.82 -18.01 -21.94
CA ASP A 101 4.06 -18.81 -21.99
C ASP A 101 4.61 -19.01 -20.59
N LYS A 102 5.00 -20.24 -20.26
CA LYS A 102 5.57 -20.55 -18.95
C LYS A 102 6.79 -19.71 -18.63
N LYS A 103 7.44 -19.16 -19.66
CA LYS A 103 8.64 -18.34 -19.44
C LYS A 103 8.33 -16.87 -19.17
N ASP A 104 7.07 -16.50 -19.28
CA ASP A 104 6.71 -15.14 -18.94
C ASP A 104 7.09 -14.83 -17.50
N PRO A 105 7.71 -13.67 -17.24
CA PRO A 105 8.11 -13.37 -15.86
C PRO A 105 6.95 -13.38 -14.86
N GLU A 106 5.73 -13.11 -15.33
CA GLU A 106 4.59 -13.05 -14.43
C GLU A 106 3.84 -14.36 -14.40
N TYR A 107 4.34 -15.40 -15.03
CA TYR A 107 3.61 -16.68 -15.01
C TYR A 107 3.34 -17.17 -13.57
N PRO A 108 4.32 -17.17 -12.67
CA PRO A 108 4.03 -17.61 -11.30
C PRO A 108 2.99 -16.75 -10.57
N THR A 109 3.04 -15.45 -10.80
CA THR A 109 2.07 -14.52 -10.18
C THR A 109 0.69 -14.80 -10.71
N ILE A 110 0.56 -14.98 -12.01
CA ILE A 110 -0.76 -15.30 -12.59
C ILE A 110 -1.30 -16.58 -11.97
N GLN A 111 -0.47 -17.58 -11.74
CA GLN A 111 -0.99 -18.83 -11.15
C GLN A 111 -1.43 -18.58 -9.73
N GLU A 112 -0.73 -17.73 -8.99
CA GLU A 112 -1.18 -17.39 -7.64
C GLU A 112 -2.55 -16.72 -7.67
N ILE A 113 -2.74 -15.79 -8.58
CA ILE A 113 -4.00 -15.07 -8.67
C ILE A 113 -5.11 -16.00 -9.10
N LYS A 114 -4.86 -16.84 -10.10
CA LYS A 114 -5.86 -17.83 -10.53
C LYS A 114 -6.24 -18.76 -9.40
N SER A 115 -5.28 -19.17 -8.58
CA SER A 115 -5.55 -20.06 -7.45
C SER A 115 -6.46 -19.38 -6.44
N LEU A 116 -6.23 -18.10 -6.14
CA LEU A 116 -7.07 -17.35 -5.23
C LEU A 116 -8.50 -17.29 -5.76
N ILE A 117 -8.65 -16.93 -7.04
CA ILE A 117 -9.95 -16.75 -7.65
C ILE A 117 -10.73 -18.03 -7.61
N ALA A 118 -10.08 -19.16 -7.86
CA ALA A 118 -10.74 -20.44 -8.03
C ALA A 118 -10.92 -21.21 -6.74
N LYS A 119 -10.59 -20.62 -5.59
CA LYS A 119 -10.78 -21.35 -4.36
C LYS A 119 -12.27 -21.61 -4.13
N PRO A 120 -12.63 -22.79 -3.59
CA PRO A 120 -14.05 -23.07 -3.39
C PRO A 120 -14.76 -22.14 -2.43
N ASN A 121 -14.04 -21.53 -1.50
CA ASN A 121 -14.68 -20.62 -0.52
C ASN A 121 -15.06 -19.28 -1.15
N ILE A 122 -14.43 -18.89 -2.25
CA ILE A 122 -14.73 -17.61 -2.86
C ILE A 122 -16.02 -17.64 -3.63
N ASP A 123 -16.90 -16.65 -3.41
CA ASP A 123 -18.14 -16.57 -4.14
C ASP A 123 -18.08 -15.49 -5.22
N ALA A 124 -17.47 -14.35 -4.90
CA ALA A 124 -17.51 -13.18 -5.76
C ALA A 124 -16.13 -12.58 -5.84
N VAL A 125 -15.87 -11.89 -6.95
CA VAL A 125 -14.61 -11.22 -7.21
C VAL A 125 -14.91 -9.79 -7.65
N LEU A 126 -14.18 -8.82 -7.10
CA LEU A 126 -14.28 -7.41 -7.48
C LEU A 126 -12.89 -6.91 -7.81
N HIS A 127 -12.69 -6.47 -9.04
CA HIS A 127 -11.40 -6.02 -9.54
C HIS A 127 -11.45 -4.52 -9.81
N LEU A 128 -10.60 -3.76 -9.16
CA LEU A 128 -10.61 -2.29 -9.25
C LEU A 128 -9.54 -1.78 -10.19
N HIS A 129 -9.90 -0.80 -11.00
CA HIS A 129 -9.04 -0.17 -11.97
C HIS A 129 -9.24 1.31 -12.03
N ASP A 130 -8.31 2.03 -12.63
CA ASP A 130 -8.49 3.43 -12.96
C ASP A 130 -8.38 3.54 -14.48
N GLY A 131 -9.18 4.39 -15.09
CA GLY A 131 -9.23 4.46 -16.54
C GLY A 131 -9.49 5.87 -17.01
N GLY A 132 -8.96 6.22 -18.16
CA GLY A 132 -9.11 7.55 -18.71
C GLY A 132 -10.54 7.89 -19.11
N GLY A 133 -10.80 9.20 -19.09
CA GLY A 133 -12.06 9.74 -19.57
C GLY A 133 -13.22 9.25 -18.73
N TYR A 134 -14.39 9.29 -19.33
CA TYR A 134 -15.63 8.81 -18.73
C TYR A 134 -16.38 8.00 -19.77
N TYR A 135 -16.67 6.76 -19.39
CA TYR A 135 -17.44 5.90 -20.26
C TYR A 135 -18.80 6.51 -20.48
N ARG A 136 -19.22 6.56 -21.74
CA ARG A 136 -20.61 6.83 -22.11
C ARG A 136 -21.01 5.76 -23.09
N PRO A 137 -22.25 5.25 -23.00
CA PRO A 137 -22.73 4.23 -23.95
C PRO A 137 -22.83 4.74 -25.38
N VAL A 138 -22.92 6.05 -25.52
CA VAL A 138 -22.92 6.68 -26.82
C VAL A 138 -21.78 7.68 -26.94
N TYR A 139 -21.29 7.85 -28.15
CA TYR A 139 -20.20 8.80 -28.37
C TYR A 139 -20.67 10.23 -28.15
N VAL A 140 -19.87 10.98 -27.37
CA VAL A 140 -20.06 12.42 -27.19
C VAL A 140 -18.83 13.17 -27.69
N ASP A 141 -17.67 12.90 -27.12
CA ASP A 141 -16.40 13.47 -27.61
C ASP A 141 -15.20 12.60 -27.21
N ALA A 142 -13.99 13.12 -27.33
CA ALA A 142 -12.78 12.34 -27.05
C ALA A 142 -12.67 11.88 -25.60
N MET A 143 -13.29 12.63 -24.68
CA MET A 143 -13.26 12.28 -23.28
C MET A 143 -14.46 11.41 -22.85
N LEU A 144 -15.59 11.55 -23.55
CA LEU A 144 -16.85 10.93 -23.16
C LEU A 144 -17.32 10.03 -24.29
N ASN A 145 -17.06 8.73 -24.20
CA ASN A 145 -17.43 7.86 -25.35
C ASN A 145 -17.34 6.39 -24.91
N PRO A 146 -17.83 5.47 -25.75
CA PRO A 146 -17.86 4.07 -25.36
C PRO A 146 -16.50 3.37 -25.28
N LYS A 147 -15.45 3.97 -25.82
N LYS A 147 -15.45 3.99 -25.81
CA LYS A 147 -14.14 3.34 -25.70
CA LYS A 147 -14.11 3.41 -25.73
C LYS A 147 -13.45 3.71 -24.39
C LYS A 147 -13.31 3.99 -24.57
N ARG A 148 -14.00 4.69 -23.68
CA ARG A 148 -13.45 5.12 -22.40
C ARG A 148 -13.96 4.21 -21.31
N TRP A 149 -13.19 4.09 -20.22
CA TRP A 149 -13.55 3.21 -19.12
C TRP A 149 -13.78 3.94 -17.83
N GLY A 150 -13.61 5.26 -17.77
CA GLY A 150 -13.78 5.90 -16.48
C GLY A 150 -15.17 5.88 -15.90
N ASN A 151 -15.27 5.64 -14.60
CA ASN A 151 -16.58 5.58 -13.87
C ASN A 151 -17.64 4.67 -14.49
N CYS A 152 -17.26 3.41 -14.60
CA CYS A 152 -18.22 2.41 -14.95
C CYS A 152 -18.02 1.17 -14.14
N PHE A 153 -19.07 0.37 -14.09
CA PHE A 153 -19.09 -0.86 -13.33
C PHE A 153 -19.39 -1.94 -14.34
N ILE A 154 -18.54 -2.94 -14.40
CA ILE A 154 -18.38 -3.78 -15.57
C ILE A 154 -18.63 -5.25 -15.25
N ILE A 155 -19.40 -5.90 -16.09
CA ILE A 155 -19.61 -7.35 -16.06
C ILE A 155 -19.29 -7.93 -17.40
N ASP A 156 -18.94 -9.20 -17.42
CA ASP A 156 -18.65 -9.93 -18.68
C ASP A 156 -19.88 -10.46 -19.38
N GLN A 157 -20.94 -10.70 -18.62
CA GLN A 157 -22.21 -11.23 -19.10
C GLN A 157 -23.24 -11.00 -18.01
N ASP A 158 -24.52 -11.18 -18.37
N ASP A 158 -24.52 -11.20 -18.35
CA ASP A 158 -25.62 -10.85 -17.47
CA ASP A 158 -25.60 -10.80 -17.44
C ASP A 158 -25.76 -11.85 -16.30
C ASP A 158 -25.95 -11.86 -16.39
N GLU A 159 -25.46 -13.10 -16.58
CA GLU A 159 -25.72 -14.19 -15.66
C GLU A 159 -24.57 -15.17 -15.68
N VAL A 160 -24.27 -15.79 -14.55
CA VAL A 160 -23.31 -16.90 -14.51
C VAL A 160 -23.95 -18.12 -13.86
N LYS A 161 -24.43 -19.01 -14.68
CA LYS A 161 -25.13 -20.19 -14.18
C LYS A 161 -24.17 -21.01 -13.35
N GLY A 162 -24.62 -21.46 -12.20
CA GLY A 162 -23.77 -22.28 -11.36
C GLY A 162 -23.04 -21.52 -10.29
N ALA A 163 -23.02 -20.18 -10.35
CA ALA A 163 -22.47 -19.40 -9.26
C ALA A 163 -23.44 -19.39 -8.07
N LYS A 164 -22.93 -19.07 -6.89
CA LYS A 164 -23.77 -18.89 -5.72
C LYS A 164 -24.78 -17.75 -5.98
N PHE A 165 -24.29 -16.69 -6.62
CA PHE A 165 -25.11 -15.51 -6.97
C PHE A 165 -25.04 -15.32 -8.48
N PRO A 166 -25.91 -16.01 -9.22
CA PRO A 166 -25.78 -16.02 -10.70
C PRO A 166 -26.18 -14.67 -11.37
N ASN A 167 -26.93 -13.84 -10.67
CA ASN A 167 -27.56 -12.63 -11.28
C ASN A 167 -26.62 -11.43 -11.26
N LEU A 168 -25.63 -11.47 -12.14
CA LEU A 168 -24.63 -10.42 -12.22
C LEU A 168 -25.27 -9.09 -12.56
N LEU A 169 -26.21 -9.12 -13.50
CA LEU A 169 -26.81 -7.88 -13.93
C LEU A 169 -27.55 -7.20 -12.77
N ALA A 170 -28.34 -7.96 -12.00
CA ALA A 170 -29.06 -7.36 -10.88
C ALA A 170 -28.10 -6.78 -9.83
N PHE A 171 -27.03 -7.53 -9.50
CA PHE A 171 -26.06 -7.03 -8.56
C PHE A 171 -25.43 -5.76 -9.09
N ALA A 172 -25.05 -5.75 -10.38
CA ALA A 172 -24.42 -4.57 -10.96
C ALA A 172 -25.36 -3.38 -10.97
N ASN A 173 -26.60 -3.56 -11.39
CA ASN A 173 -27.54 -2.45 -11.40
C ASN A 173 -27.73 -1.86 -10.00
N ASN A 174 -27.81 -2.73 -8.99
CA ASN A 174 -28.00 -2.22 -7.65
C ASN A 174 -26.75 -1.56 -7.08
N THR A 175 -25.57 -2.05 -7.44
CA THR A 175 -24.32 -1.42 -7.01
C THR A 175 -24.22 -0.05 -7.65
N ILE A 176 -24.55 0.06 -8.94
CA ILE A 176 -24.49 1.33 -9.67
C ILE A 176 -25.46 2.31 -9.05
N GLU A 177 -26.68 1.86 -8.70
CA GLU A 177 -27.62 2.73 -8.08
C GLU A 177 -27.05 3.28 -6.77
N SER A 178 -26.40 2.43 -5.99
CA SER A 178 -25.81 2.84 -4.74
C SER A 178 -24.72 3.92 -4.96
N ILE A 179 -23.81 3.69 -5.89
CA ILE A 179 -22.75 4.67 -6.17
C ILE A 179 -23.40 5.98 -6.63
N ASN A 180 -24.40 5.92 -7.50
CA ASN A 180 -24.99 7.12 -8.06
C ASN A 180 -25.82 7.95 -7.06
N ALA A 181 -26.05 7.40 -5.89
CA ALA A 181 -26.68 8.17 -4.82
C ALA A 181 -25.70 9.12 -4.16
N HIS A 182 -24.42 9.02 -4.49
CA HIS A 182 -23.39 9.78 -3.80
C HIS A 182 -22.43 10.51 -4.75
N LEU A 183 -22.90 10.92 -5.91
CA LEU A 183 -22.02 11.60 -6.88
C LEU A 183 -21.53 12.93 -6.42
N LEU A 184 -20.26 13.20 -6.67
CA LEU A 184 -19.67 14.50 -6.35
C LEU A 184 -19.99 15.58 -7.37
N HIS A 185 -20.17 15.16 -8.61
CA HIS A 185 -20.57 16.03 -9.70
C HIS A 185 -21.31 15.15 -10.71
N PRO A 186 -22.34 15.71 -11.40
CA PRO A 186 -23.12 14.85 -12.30
C PRO A 186 -22.36 14.21 -13.43
N ILE A 187 -21.22 14.76 -13.86
CA ILE A 187 -20.47 14.12 -14.93
C ILE A 187 -19.91 12.77 -14.53
N GLU A 188 -19.80 12.53 -13.22
CA GLU A 188 -19.20 11.32 -12.68
C GLU A 188 -20.18 10.16 -12.56
N GLU A 189 -21.38 10.33 -13.07
CA GLU A 189 -22.38 9.28 -13.06
C GLU A 189 -21.85 7.95 -13.58
N TYR A 190 -22.09 6.90 -12.80
CA TYR A 190 -21.73 5.56 -13.20
C TYR A 190 -22.71 4.94 -14.15
N HIS A 191 -22.15 4.18 -15.10
CA HIS A 191 -22.95 3.40 -16.03
C HIS A 191 -22.47 1.97 -16.03
N LEU A 192 -23.42 1.10 -16.39
CA LEU A 192 -23.13 -0.31 -16.58
C LEU A 192 -22.43 -0.53 -17.93
N LYS A 193 -21.37 -1.33 -17.90
CA LYS A 193 -20.78 -1.84 -19.13
C LYS A 193 -20.86 -3.38 -19.07
N ASN A 194 -21.54 -4.02 -20.00
CA ASN A 194 -21.56 -5.47 -20.13
C ASN A 194 -20.77 -5.77 -21.39
N THR A 195 -19.55 -6.28 -21.21
CA THR A 195 -18.68 -6.51 -22.39
C THR A 195 -19.04 -7.74 -23.20
N ARG A 196 -19.99 -8.56 -22.73
CA ARG A 196 -20.43 -9.73 -23.50
C ARG A 196 -19.22 -10.54 -24.01
N THR A 197 -18.33 -10.82 -23.06
CA THR A 197 -16.99 -11.27 -23.42
C THR A 197 -16.97 -12.55 -24.22
N ALA A 198 -17.77 -13.53 -23.84
CA ALA A 198 -17.79 -14.81 -24.52
C ALA A 198 -18.21 -14.68 -25.97
N GLN A 199 -18.90 -13.62 -26.33
CA GLN A 199 -19.40 -13.51 -27.71
C GLN A 199 -18.37 -12.97 -28.70
N GLY A 200 -17.23 -12.52 -28.23
CA GLY A 200 -16.12 -12.25 -29.14
C GLY A 200 -15.21 -11.10 -28.77
N ASP A 201 -15.21 -10.69 -27.51
CA ASP A 201 -14.31 -9.62 -27.06
C ASP A 201 -12.96 -10.26 -26.74
N THR A 202 -12.08 -10.29 -27.72
CA THR A 202 -10.87 -11.09 -27.63
C THR A 202 -9.94 -10.57 -26.57
N GLU A 203 -9.98 -9.27 -26.29
CA GLU A 203 -9.15 -8.70 -25.24
C GLU A 203 -9.68 -9.09 -23.88
N MET A 204 -10.99 -8.98 -23.66
CA MET A 204 -11.52 -9.29 -22.36
C MET A 204 -11.48 -10.79 -22.11
N GLN A 205 -11.41 -11.59 -23.18
CA GLN A 205 -11.27 -13.04 -23.00
C GLN A 205 -9.95 -13.44 -22.35
N LYS A 206 -8.98 -12.52 -22.37
CA LYS A 206 -7.68 -12.73 -21.73
C LYS A 206 -7.55 -12.14 -20.35
N ALA A 207 -8.62 -11.52 -19.84
CA ALA A 207 -8.61 -10.77 -18.61
C ALA A 207 -9.12 -11.54 -17.38
N LEU A 208 -8.89 -10.94 -16.23
CA LEU A 208 -9.12 -11.56 -14.95
C LEU A 208 -10.57 -11.94 -14.70
N THR A 209 -11.50 -11.04 -14.96
CA THR A 209 -12.88 -11.33 -14.57
C THR A 209 -13.48 -12.42 -15.42
N PHE A 210 -13.08 -12.56 -16.68
CA PHE A 210 -13.58 -13.64 -17.49
C PHE A 210 -13.07 -14.97 -16.95
N TYR A 211 -11.82 -15.01 -16.51
CA TYR A 211 -11.31 -16.21 -15.89
C TYR A 211 -12.19 -16.56 -14.68
N ALA A 212 -12.50 -15.57 -13.85
CA ALA A 212 -13.34 -15.79 -12.69
C ALA A 212 -14.72 -16.35 -13.04
N ILE A 213 -15.39 -15.80 -14.06
CA ILE A 213 -16.70 -16.30 -14.49
C ILE A 213 -16.61 -17.76 -14.90
N ASN A 214 -15.50 -18.13 -15.54
CA ASN A 214 -15.30 -19.49 -15.96
C ASN A 214 -15.04 -20.47 -14.82
N GLN A 215 -14.80 -19.94 -13.61
CA GLN A 215 -14.75 -20.77 -12.41
C GLN A 215 -16.05 -20.66 -11.63
N LYS A 216 -17.08 -20.08 -12.26
CA LYS A 216 -18.41 -19.93 -11.67
C LYS A 216 -18.39 -19.01 -10.43
N LYS A 217 -17.58 -17.97 -10.50
CA LYS A 217 -17.62 -16.91 -9.53
C LYS A 217 -18.42 -15.74 -10.10
N SER A 218 -19.08 -15.01 -9.21
N SER A 218 -19.04 -14.95 -9.22
CA SER A 218 -19.68 -13.76 -9.59
CA SER A 218 -19.72 -13.73 -9.68
C SER A 218 -18.51 -12.79 -9.70
C SER A 218 -18.73 -12.55 -9.65
N ALA A 219 -18.29 -12.17 -10.83
CA ALA A 219 -17.15 -11.31 -11.02
C ALA A 219 -17.53 -9.96 -11.58
N PHE A 220 -16.93 -8.90 -11.04
CA PHE A 220 -17.26 -7.53 -11.36
C PHE A 220 -15.98 -6.76 -11.44
N ALA A 221 -15.97 -5.68 -12.21
CA ALA A 221 -14.89 -4.72 -12.19
C ALA A 221 -15.47 -3.33 -11.98
N ASN A 222 -14.72 -2.49 -11.27
CA ASN A 222 -15.05 -1.10 -11.08
C ASN A 222 -13.91 -0.28 -11.63
N GLU A 223 -14.21 0.67 -12.51
CA GLU A 223 -13.16 1.52 -13.03
C GLU A 223 -13.49 2.94 -12.67
N ALA A 224 -12.60 3.61 -11.96
CA ALA A 224 -12.78 5.01 -11.58
C ALA A 224 -11.97 5.87 -12.55
N SER A 225 -12.49 7.01 -12.93
CA SER A 225 -11.85 7.86 -13.92
C SER A 225 -10.49 8.43 -13.48
N LYS A 226 -9.48 8.34 -14.34
CA LYS A 226 -8.21 9.04 -14.13
C LYS A 226 -8.33 10.54 -14.22
N GLU A 227 -9.45 11.04 -14.70
CA GLU A 227 -9.61 12.48 -14.71
C GLU A 227 -9.82 13.02 -13.32
N LEU A 228 -10.18 12.16 -12.38
CA LEU A 228 -10.46 12.58 -11.03
C LEU A 228 -9.18 12.67 -10.21
N PRO A 229 -9.13 13.55 -9.22
CA PRO A 229 -8.04 13.49 -8.26
C PRO A 229 -8.09 12.20 -7.50
N LEU A 230 -6.95 11.77 -6.96
CA LEU A 230 -6.85 10.50 -6.27
C LEU A 230 -7.94 10.30 -5.22
N ALA A 231 -8.19 11.29 -4.37
CA ALA A 231 -9.15 11.08 -3.30
C ALA A 231 -10.55 10.81 -3.83
N SER A 232 -10.91 11.46 -4.94
CA SER A 232 -12.20 11.19 -5.58
C SER A 232 -12.25 9.81 -6.22
N ARG A 233 -11.16 9.37 -6.85
CA ARG A 233 -11.12 8.03 -7.39
C ARG A 233 -11.33 7.00 -6.31
N VAL A 234 -10.59 7.17 -5.20
CA VAL A 234 -10.69 6.25 -4.07
C VAL A 234 -12.09 6.26 -3.50
N PHE A 235 -12.69 7.44 -3.37
CA PHE A 235 -14.08 7.56 -2.94
C PHE A 235 -15.01 6.69 -3.75
N TYR A 236 -14.90 6.74 -5.07
CA TYR A 236 -15.77 5.92 -5.92
C TYR A 236 -15.49 4.44 -5.79
N HIS A 237 -14.22 4.04 -5.70
CA HIS A 237 -13.92 2.64 -5.49
C HIS A 237 -14.50 2.15 -4.18
N LEU A 238 -14.39 2.95 -3.13
CA LEU A 238 -14.99 2.55 -1.85
C LEU A 238 -16.50 2.47 -1.94
N GLN A 239 -17.13 3.39 -2.68
CA GLN A 239 -18.59 3.26 -2.91
C GLN A 239 -18.95 1.96 -3.60
N ALA A 240 -18.15 1.56 -4.60
CA ALA A 240 -18.40 0.32 -5.30
C ALA A 240 -18.23 -0.89 -4.40
N ILE A 241 -17.15 -0.92 -3.59
CA ILE A 241 -16.96 -1.98 -2.64
C ILE A 241 -18.14 -2.08 -1.68
N GLU A 242 -18.53 -0.96 -1.10
CA GLU A 242 -19.63 -0.98 -0.16
C GLU A 242 -20.93 -1.41 -0.81
N GLY A 243 -21.20 -0.90 -2.02
CA GLY A 243 -22.39 -1.28 -2.73
C GLY A 243 -22.43 -2.78 -2.95
N LEU A 244 -21.31 -3.37 -3.37
CA LEU A 244 -21.26 -4.80 -3.61
C LEU A 244 -21.38 -5.63 -2.31
N LEU A 245 -20.69 -5.20 -1.26
CA LEU A 245 -20.81 -5.86 0.04
C LEU A 245 -22.26 -5.88 0.51
N ASN A 246 -22.98 -4.76 0.29
CA ASN A 246 -24.37 -4.69 0.66
C ASN A 246 -25.20 -5.71 -0.16
N GLN A 247 -24.90 -5.85 -1.45
CA GLN A 247 -25.63 -6.80 -2.25
C GLN A 247 -25.38 -8.24 -1.82
N LEU A 248 -24.13 -8.53 -1.42
CA LEU A 248 -23.74 -9.85 -0.95
C LEU A 248 -24.20 -10.10 0.48
N ASN A 249 -24.65 -9.08 1.19
CA ASN A 249 -25.02 -9.20 2.61
C ASN A 249 -23.80 -9.62 3.44
N ILE A 250 -22.65 -9.04 3.14
CA ILE A 250 -21.47 -9.17 3.98
C ILE A 250 -21.49 -7.91 4.89
N PRO A 251 -21.78 -8.08 6.18
CA PRO A 251 -21.87 -6.91 7.06
C PRO A 251 -20.48 -6.35 7.38
N PHE A 252 -20.37 -5.03 7.42
CA PHE A 252 -19.09 -4.37 7.65
C PHE A 252 -19.28 -3.06 8.39
N LYS A 253 -18.17 -2.58 8.96
CA LYS A 253 -18.08 -1.26 9.57
C LYS A 253 -16.84 -0.58 9.07
N ARG A 254 -16.81 0.76 9.14
CA ARG A 254 -15.59 1.52 8.89
C ARG A 254 -15.51 2.55 9.98
N ASP A 255 -14.30 3.02 10.22
CA ASP A 255 -14.03 3.98 11.28
C ASP A 255 -13.99 5.45 10.86
N PHE A 256 -14.59 5.76 9.71
CA PHE A 256 -14.64 7.12 9.20
C PHE A 256 -15.92 7.32 8.39
N GLU A 257 -16.23 8.58 8.08
CA GLU A 257 -17.34 8.94 7.20
C GLU A 257 -16.83 8.98 5.76
N LEU A 258 -17.56 8.35 4.85
CA LEU A 258 -17.11 8.22 3.47
C LEU A 258 -17.41 9.48 2.67
N ASN A 259 -16.42 10.36 2.61
CA ASN A 259 -16.47 11.59 1.82
C ASN A 259 -15.06 11.88 1.32
N PRO A 260 -14.89 12.68 0.28
CA PRO A 260 -13.54 12.91 -0.23
C PRO A 260 -12.58 13.54 0.78
N SER A 261 -13.05 14.43 1.65
CA SER A 261 -12.16 15.04 2.63
C SER A 261 -11.60 13.99 3.58
N SER A 262 -12.45 13.08 4.04
CA SER A 262 -11.98 12.04 4.95
C SER A 262 -11.08 11.08 4.20
N VAL A 263 -11.39 10.71 2.97
CA VAL A 263 -10.49 9.86 2.20
C VAL A 263 -9.12 10.55 2.07
N HIS A 264 -9.09 11.82 1.69
CA HIS A 264 -7.83 12.51 1.58
C HIS A 264 -7.04 12.47 2.89
N ALA A 265 -7.71 12.69 4.02
CA ALA A 265 -7.03 12.67 5.30
C ALA A 265 -6.47 11.30 5.63
N LEU A 266 -7.15 10.23 5.24
CA LEU A 266 -6.72 8.89 5.53
C LEU A 266 -5.62 8.44 4.61
N ILE A 267 -5.61 8.86 3.37
CA ILE A 267 -4.46 8.59 2.52
C ILE A 267 -3.23 9.28 3.07
N ASN A 268 -3.39 10.55 3.45
CA ASN A 268 -2.31 11.43 3.91
C ASN A 268 -2.20 11.47 5.41
N ASP A 269 -2.14 10.30 6.01
CA ASP A 269 -2.26 10.14 7.46
C ASP A 269 -0.88 10.22 8.07
N LYS A 270 -0.72 11.17 8.97
CA LYS A 270 0.57 11.36 9.60
C LYS A 270 0.96 10.25 10.58
N SER A 271 0.03 9.34 10.89
CA SER A 271 0.35 8.21 11.75
C SER A 271 0.89 6.99 11.01
N LEU A 272 1.01 7.10 9.68
CA LEU A 272 1.59 6.03 8.89
C LEU A 272 3.10 5.99 9.05
N TRP A 273 3.65 4.78 9.09
CA TRP A 273 5.09 4.59 9.30
C TRP A 273 5.61 3.44 8.48
N ALA A 274 6.95 3.40 8.34
CA ALA A 274 7.63 2.31 7.68
C ALA A 274 8.80 1.89 8.55
N LYS A 275 8.95 0.61 8.74
CA LYS A 275 10.09 0.05 9.45
C LYS A 275 10.92 -0.76 8.47
N ILE A 276 12.10 -0.26 8.19
CA ILE A 276 13.02 -0.89 7.24
C ILE A 276 14.03 -1.75 7.99
N SER A 277 14.11 -3.03 7.68
CA SER A 277 15.01 -3.95 8.36
C SER A 277 14.78 -3.82 9.87
N SER A 278 15.86 -3.77 10.64
CA SER A 278 15.78 -3.63 12.10
C SER A 278 15.89 -2.18 12.57
N LEU A 279 15.81 -1.24 11.65
CA LEU A 279 15.80 0.17 12.00
C LEU A 279 14.52 0.57 12.72
N PRO A 280 14.55 1.71 13.42
CA PRO A 280 13.30 2.23 13.98
C PRO A 280 12.29 2.56 12.92
N LYS A 281 11.02 2.54 13.35
CA LYS A 281 9.92 3.06 12.52
C LYS A 281 10.18 4.53 12.20
N ILE A 282 9.98 4.90 10.94
CA ILE A 282 10.03 6.31 10.53
C ILE A 282 8.66 6.70 9.99
N PRO A 283 8.27 7.96 10.18
CA PRO A 283 7.00 8.40 9.58
C PRO A 283 7.07 8.38 8.07
N LEU A 284 5.99 8.01 7.39
CA LEU A 284 5.97 8.06 5.94
C LEU A 284 5.94 9.49 5.46
N PHE A 285 5.13 10.33 6.08
CA PHE A 285 4.95 11.72 5.65
C PHE A 285 5.87 12.69 6.36
N ASN A 286 6.14 13.78 5.67
CA ASN A 286 6.95 14.90 6.18
C ASN A 286 8.41 14.52 6.44
N LEU A 287 8.91 13.51 5.80
CA LEU A 287 10.36 13.26 5.75
C LEU A 287 11.06 14.28 4.89
N ARG A 288 12.31 14.57 5.24
CA ARG A 288 13.13 15.31 4.28
C ARG A 288 13.22 14.55 2.99
N PRO A 289 13.33 15.23 1.84
CA PRO A 289 13.32 14.50 0.57
C PRO A 289 14.49 13.57 0.32
N ARG A 290 15.59 13.79 1.04
N ARG A 290 15.60 13.75 1.04
CA ARG A 290 16.76 12.93 0.99
CA ARG A 290 16.76 12.88 0.93
C ARG A 290 17.20 12.60 2.40
C ARG A 290 17.38 12.61 2.29
N LEU A 291 17.52 11.34 2.63
CA LEU A 291 18.17 10.90 3.87
C LEU A 291 19.52 10.36 3.47
N ASN A 292 20.59 11.03 3.93
CA ASN A 292 21.93 10.68 3.52
C ASN A 292 22.56 9.63 4.43
N HIS A 293 23.52 8.91 3.88
CA HIS A 293 24.30 7.89 4.60
C HIS A 293 23.39 6.98 5.38
N PHE A 294 22.37 6.48 4.73
CA PHE A 294 21.31 5.76 5.43
C PHE A 294 21.67 4.28 5.46
N PRO A 295 21.89 3.70 6.67
CA PRO A 295 22.38 2.32 6.73
C PRO A 295 21.39 1.30 6.20
N LEU A 296 21.86 0.45 5.30
CA LEU A 296 21.09 -0.68 4.79
C LEU A 296 21.98 -1.93 4.80
N PRO A 297 21.38 -3.10 5.03
CA PRO A 297 22.20 -4.30 5.13
C PRO A 297 22.89 -4.59 3.80
N HIS A 298 24.16 -4.88 3.86
CA HIS A 298 24.94 -5.15 2.65
C HIS A 298 24.56 -6.52 2.06
N ASN A 299 25.02 -6.76 0.85
CA ASN A 299 24.81 -8.05 0.18
C ASN A 299 23.36 -8.52 0.16
N THR A 300 22.43 -7.57 0.07
CA THR A 300 21.00 -7.89 0.10
C THR A 300 20.29 -7.10 -0.99
N LYS A 301 19.64 -7.81 -1.90
CA LYS A 301 18.87 -7.15 -2.94
C LYS A 301 17.74 -6.36 -2.31
N ILE A 302 17.48 -5.20 -2.88
CA ILE A 302 16.51 -4.27 -2.32
C ILE A 302 15.14 -4.90 -2.07
N PRO A 303 14.61 -5.70 -3.04
CA PRO A 303 13.32 -6.31 -2.75
C PRO A 303 13.35 -7.32 -1.60
N GLN A 304 14.52 -7.75 -1.18
CA GLN A 304 14.66 -8.68 -0.06
C GLN A 304 14.84 -7.98 1.30
N ILE A 305 14.97 -6.66 1.30
CA ILE A 305 15.12 -5.97 2.56
C ILE A 305 13.74 -5.93 3.22
N PRO A 306 13.65 -6.42 4.48
CA PRO A 306 12.32 -6.44 5.11
C PRO A 306 11.77 -5.05 5.28
N ILE A 307 10.48 -4.89 5.02
CA ILE A 307 9.87 -3.60 5.27
C ILE A 307 8.48 -3.88 5.78
N GLU A 308 8.15 -3.25 6.90
CA GLU A 308 6.84 -3.35 7.53
C GLU A 308 6.25 -1.97 7.56
N SER A 309 4.93 -1.94 7.56
CA SER A 309 4.20 -0.67 7.63
C SER A 309 2.82 -0.97 8.16
N ASN A 310 2.15 0.06 8.70
CA ASN A 310 0.73 -0.04 8.98
C ASN A 310 -0.11 0.20 7.72
N ALA A 311 0.51 0.56 6.60
CA ALA A 311 -0.14 0.54 5.29
C ALA A 311 0.32 -0.70 4.55
N TYR A 312 -0.33 -1.02 3.46
CA TYR A 312 -0.13 -2.26 2.73
C TYR A 312 0.47 -2.09 1.36
N ILE A 313 0.79 -0.86 1.01
CA ILE A 313 1.29 -0.47 -0.31
C ILE A 313 2.62 0.27 -0.28
N VAL A 314 3.41 -0.04 0.74
CA VAL A 314 4.74 0.57 0.93
C VAL A 314 5.84 -0.37 0.47
N GLY A 315 6.86 0.20 -0.17
CA GLY A 315 8.01 -0.59 -0.51
C GLY A 315 9.22 0.27 -0.85
N LEU A 316 10.31 -0.42 -1.15
CA LEU A 316 11.59 0.18 -1.54
C LEU A 316 11.89 -0.21 -2.97
N VAL A 317 12.54 0.69 -3.71
CA VAL A 317 12.94 0.40 -5.06
C VAL A 317 14.21 1.19 -5.44
N LYS A 318 15.12 0.55 -6.17
CA LYS A 318 16.32 1.21 -6.61
C LYS A 318 16.00 2.22 -7.68
N ASN A 319 16.66 3.37 -7.62
CA ASN A 319 16.68 4.34 -8.70
C ASN A 319 18.08 4.92 -8.77
N LYS A 320 18.84 4.46 -9.75
CA LYS A 320 20.25 4.90 -9.90
C LYS A 320 21.02 4.63 -8.61
N GLN A 321 21.57 5.66 -7.97
CA GLN A 321 22.34 5.49 -6.76
C GLN A 321 21.51 5.72 -5.48
N GLU A 322 20.20 5.79 -5.60
CA GLU A 322 19.30 5.99 -4.48
C GLU A 322 18.39 4.79 -4.32
N VAL A 323 17.77 4.69 -3.16
CA VAL A 323 16.70 3.75 -2.92
C VAL A 323 15.51 4.58 -2.53
N PHE A 324 14.43 4.46 -3.28
CA PHE A 324 13.25 5.26 -3.00
C PHE A 324 12.32 4.53 -2.04
N LEU A 325 11.76 5.27 -1.10
CA LEU A 325 10.68 4.78 -0.24
C LEU A 325 9.37 5.22 -0.85
N LYS A 326 8.57 4.23 -1.24
CA LYS A 326 7.31 4.43 -1.97
C LYS A 326 6.13 4.09 -1.10
N TYR A 327 5.08 4.89 -1.25
CA TYR A 327 3.77 4.65 -0.67
C TYR A 327 2.80 4.75 -1.84
N GLY A 328 2.44 3.60 -2.39
CA GLY A 328 1.79 3.58 -3.67
C GLY A 328 2.69 4.18 -4.73
N ASN A 329 2.17 5.18 -5.47
CA ASN A 329 2.98 5.89 -6.43
C ASN A 329 3.67 7.12 -5.83
N LYS A 330 3.44 7.39 -4.54
CA LYS A 330 4.01 8.56 -3.90
C LYS A 330 5.47 8.30 -3.44
N LEU A 331 6.36 9.23 -3.75
CA LEU A 331 7.74 9.18 -3.30
C LEU A 331 7.86 9.85 -1.95
N MET A 332 8.16 9.07 -0.93
CA MET A 332 8.19 9.61 0.42
C MET A 332 9.55 10.15 0.84
N THR A 333 10.60 9.51 0.37
CA THR A 333 11.96 10.02 0.56
C THR A 333 12.89 9.23 -0.37
N ARG A 334 14.05 9.82 -0.62
CA ARG A 334 15.14 9.19 -1.36
C ARG A 334 16.21 8.83 -0.37
N LEU A 335 16.47 7.55 -0.15
CA LEU A 335 17.58 7.12 0.69
C LEU A 335 18.86 7.07 -0.12
N SER A 336 19.92 7.64 0.41
CA SER A 336 21.24 7.50 -0.17
C SER A 336 21.94 6.49 0.71
N PRO A 337 22.02 5.24 0.28
CA PRO A 337 22.35 4.16 1.20
C PRO A 337 23.82 4.10 1.57
N PHE A 338 24.05 3.62 2.78
CA PHE A 338 25.35 3.27 3.29
C PHE A 338 25.24 1.76 3.52
N TYR A 339 25.78 0.95 2.60
CA TYR A 339 25.67 -0.49 2.74
C TYR A 339 26.71 -1.00 3.72
N ILE A 340 26.27 -1.80 4.69
CA ILE A 340 27.13 -2.21 5.80
C ILE A 340 26.59 -3.50 6.42
N GLU A 341 27.47 -4.28 7.03
CA GLU A 341 27.00 -5.42 7.80
C GLU A 341 26.14 -4.98 8.97
N PHE A 342 24.98 -5.62 9.15
CA PHE A 342 24.13 -5.38 10.31
C PHE A 342 24.42 -6.44 11.36
N ASP A 343 25.11 -6.06 12.42
CA ASP A 343 25.44 -6.94 13.53
C ASP A 343 24.30 -6.85 14.53
N PRO A 344 23.64 -7.98 14.79
CA PRO A 344 22.43 -7.92 15.63
C PRO A 344 22.72 -8.09 17.14
N SER A 345 23.98 -8.06 17.54
CA SER A 345 24.30 -8.37 18.92
C SER A 345 23.79 -7.35 19.95
N LEU A 346 23.69 -6.08 19.57
CA LEU A 346 23.31 -5.05 20.51
C LEU A 346 21.79 -4.95 20.60
N GLU A 347 21.23 -5.22 21.78
CA GLU A 347 19.77 -5.22 21.90
C GLU A 347 19.23 -3.93 22.53
N GLU A 348 20.03 -3.33 23.41
CA GLU A 348 19.60 -2.14 24.13
C GLU A 348 20.80 -1.32 24.50
N VAL A 349 20.53 -0.04 24.75
CA VAL A 349 21.56 0.93 25.10
C VAL A 349 21.09 1.71 26.31
N LYS A 350 21.95 1.87 27.29
CA LYS A 350 21.61 2.67 28.47
C LYS A 350 21.74 4.17 28.15
N MET A 351 20.64 4.88 28.34
CA MET A 351 20.61 6.32 28.07
C MET A 351 19.96 7.01 29.23
N GLN A 352 20.47 8.20 29.56
CA GLN A 352 19.79 9.06 30.46
C GLN A 352 18.88 9.90 29.61
N ILE A 353 17.59 9.90 29.93
CA ILE A 353 16.60 10.65 29.22
C ILE A 353 15.92 11.57 30.21
N ASP A 354 16.05 12.89 30.01
CA ASP A 354 15.47 13.85 30.94
C ASP A 354 15.85 13.52 32.40
N ASN A 355 17.15 13.22 32.61
CA ASN A 355 17.75 12.91 33.91
C ASN A 355 17.56 11.52 34.46
N LYS A 356 16.82 10.68 33.76
CA LYS A 356 16.52 9.33 34.27
C LYS A 356 17.09 8.27 33.34
N ASP A 357 17.91 7.39 33.89
CA ASP A 357 18.40 6.24 33.12
C ASP A 357 17.31 5.28 32.71
N GLN A 358 17.41 4.79 31.49
CA GLN A 358 16.57 3.73 31.04
C GLN A 358 17.34 2.95 29.99
N MET A 359 16.93 1.71 29.78
CA MET A 359 17.50 0.86 28.76
C MET A 359 16.63 0.98 27.55
N VAL A 360 17.18 1.61 26.53
CA VAL A 360 16.43 1.89 25.32
C VAL A 360 16.71 0.81 24.28
N LYS A 361 15.67 0.16 23.78
CA LYS A 361 15.90 -0.89 22.81
C LYS A 361 16.40 -0.35 21.49
N ILE A 362 17.37 -1.04 20.90
CA ILE A 362 17.75 -0.76 19.54
C ILE A 362 16.54 -0.92 18.64
N GLY A 363 16.36 0.00 17.71
CA GLY A 363 15.18 0.00 16.86
C GLY A 363 14.01 0.75 17.44
N SER A 364 14.17 1.45 18.53
CA SER A 364 13.04 2.20 19.06
C SER A 364 13.18 3.71 18.86
N VAL A 365 12.09 4.39 19.15
CA VAL A 365 12.02 5.84 19.15
C VAL A 365 11.80 6.25 20.58
N VAL A 366 12.63 7.16 21.09
N VAL A 366 12.64 7.14 21.08
CA VAL A 366 12.49 7.64 22.47
CA VAL A 366 12.45 7.68 22.42
C VAL A 366 12.22 9.14 22.48
C VAL A 366 12.10 9.15 22.34
N GLU A 367 11.16 9.53 23.18
CA GLU A 367 10.79 10.92 23.28
C GLU A 367 11.63 11.62 24.35
N VAL A 368 12.07 12.83 24.00
CA VAL A 368 12.94 13.61 24.88
C VAL A 368 12.33 14.98 25.03
N LYS A 369 12.16 15.41 26.27
CA LYS A 369 11.63 16.73 26.54
C LYS A 369 12.70 17.79 26.71
N GLU A 370 13.86 17.37 27.23
CA GLU A 370 14.90 18.29 27.68
C GLU A 370 16.28 17.87 27.16
N SER A 371 16.70 16.67 27.50
CA SER A 371 18.08 16.30 27.26
C SER A 371 18.23 14.82 27.21
N PHE A 372 19.35 14.36 26.65
CA PHE A 372 19.73 12.97 26.79
C PHE A 372 21.23 12.83 26.86
N TYR A 373 21.67 11.68 27.32
CA TYR A 373 23.08 11.38 27.50
C TYR A 373 23.20 9.88 27.26
N ILE A 374 24.09 9.48 26.37
CA ILE A 374 24.34 8.07 26.14
C ILE A 374 25.53 7.58 26.96
N HIS A 375 25.33 6.55 27.75
CA HIS A 375 26.42 6.00 28.56
C HIS A 375 27.42 5.29 27.67
N ALA A 376 28.71 5.43 27.99
CA ALA A 376 29.75 4.78 27.20
C ALA A 376 29.59 3.26 27.22
N MET A 377 29.99 2.62 26.12
CA MET A 377 29.98 1.17 25.97
C MET A 377 31.36 0.75 25.48
N ASP A 378 31.87 -0.37 25.98
CA ASP A 378 33.26 -0.75 25.72
C ASP A 378 33.70 -0.74 24.26
N ASN A 379 32.97 -1.46 23.43
CA ASN A 379 33.35 -1.70 22.03
C ASN A 379 32.39 -1.08 21.01
N ILE A 380 31.50 -0.21 21.47
CA ILE A 380 30.46 0.37 20.61
C ILE A 380 30.65 1.87 20.58
N ARG A 381 30.63 2.47 19.41
CA ARG A 381 30.60 3.94 19.31
C ARG A 381 29.25 4.42 18.85
N ALA A 382 28.87 5.60 19.32
CA ALA A 382 27.60 6.22 18.99
C ALA A 382 27.87 7.47 18.19
N ASN A 383 27.15 7.61 17.09
CA ASN A 383 27.17 8.83 16.31
C ASN A 383 25.74 9.39 16.36
N VAL A 384 25.60 10.53 17.04
CA VAL A 384 24.36 11.29 17.03
C VAL A 384 24.37 12.18 15.80
N ILE A 385 23.48 11.88 14.86
CA ILE A 385 23.50 12.54 13.54
C ILE A 385 22.88 13.94 13.66
N GLY A 386 23.71 14.96 13.46
CA GLY A 386 23.29 16.35 13.68
C GLY A 386 23.97 16.99 14.87
N PHE A 387 24.68 16.19 15.67
CA PHE A 387 25.49 16.67 16.77
C PHE A 387 26.96 16.41 16.48
N SER A 388 27.81 17.38 16.78
CA SER A 388 29.22 17.23 16.53
C SER A 388 30.01 17.95 17.59
N VAL A 389 31.14 17.35 17.96
CA VAL A 389 32.06 17.92 18.94
C VAL A 389 33.38 18.30 18.25
N SER A 390 33.69 17.55 17.20
CA SER A 390 34.89 17.77 16.42
C SER A 390 34.60 17.37 14.99
N ASN A 391 35.65 17.38 14.16
N ASN A 391 35.65 17.38 14.16
CA ASN A 391 35.51 16.98 12.77
CA ASN A 391 35.50 16.97 12.77
C ASN A 391 36.02 15.57 12.53
C ASN A 391 36.07 15.58 12.53
N GLU A 392 36.02 14.76 13.58
CA GLU A 392 36.43 13.36 13.48
C GLU A 392 35.46 12.62 12.57
N ASN A 393 35.99 11.73 11.73
CA ASN A 393 35.20 11.05 10.72
C ASN A 393 34.48 9.80 11.24
N LYS A 394 34.90 9.31 12.40
CA LYS A 394 34.21 8.23 13.09
C LYS A 394 34.01 8.64 14.55
N PRO A 395 33.09 9.59 14.77
CA PRO A 395 32.95 10.09 16.14
C PRO A 395 32.31 9.08 17.10
N ASN A 396 32.63 9.25 18.38
CA ASN A 396 31.94 8.57 19.47
C ASN A 396 31.44 9.67 20.38
N GLU A 397 30.13 9.79 20.39
CA GLU A 397 29.43 10.84 21.09
C GLU A 397 28.70 10.35 22.32
N ALA A 398 29.04 9.16 22.79
CA ALA A 398 28.67 8.78 24.15
C ALA A 398 29.34 9.73 25.11
N GLY A 399 28.72 9.94 26.26
CA GLY A 399 29.31 10.76 27.29
C GLY A 399 29.05 12.26 27.19
N TYR A 400 28.23 12.68 26.25
CA TYR A 400 27.86 14.10 26.07
C TYR A 400 26.42 14.28 26.47
N THR A 401 26.16 15.35 27.22
CA THR A 401 24.80 15.73 27.55
C THR A 401 24.29 16.65 26.45
N ILE A 402 23.27 16.18 25.76
CA ILE A 402 22.81 16.77 24.52
C ILE A 402 21.40 17.32 24.64
N ARG A 403 21.21 18.55 24.17
N ARG A 403 21.21 18.55 24.17
CA ARG A 403 19.93 19.22 24.17
CA ARG A 403 19.94 19.23 24.20
C ARG A 403 19.53 19.55 22.74
C ARG A 403 19.55 19.62 22.76
N PHE A 404 18.29 19.96 22.55
CA PHE A 404 17.80 20.30 21.22
C PHE A 404 18.67 21.37 20.57
N LYS A 405 19.09 22.33 21.36
CA LYS A 405 19.87 23.45 20.83
C LYS A 405 21.25 23.06 20.32
N ASP A 406 21.69 21.84 20.63
CA ASP A 406 22.98 21.36 20.17
C ASP A 406 22.93 20.75 18.77
N PHE A 407 21.75 20.59 18.19
CA PHE A 407 21.65 19.95 16.88
C PHE A 407 21.73 20.93 15.71
N GLN A 408 22.41 20.52 14.66
CA GLN A 408 22.27 21.14 13.37
C GLN A 408 20.99 20.57 12.74
N LYS A 409 19.97 21.43 12.63
CA LYS A 409 18.62 20.99 12.35
C LYS A 409 18.45 20.34 10.98
N ARG A 410 19.32 20.70 10.04
CA ARG A 410 19.22 20.12 8.71
C ARG A 410 19.51 18.63 8.64
N PHE A 411 19.98 18.05 9.73
CA PHE A 411 20.21 16.62 9.81
C PHE A 411 19.05 15.82 10.33
N SER A 412 17.96 16.49 10.67
CA SER A 412 16.79 15.80 11.16
C SER A 412 16.21 14.91 10.04
N LEU A 413 15.55 13.83 10.43
CA LEU A 413 14.84 12.98 9.49
C LEU A 413 13.63 13.68 8.90
N ASP A 414 12.98 14.52 9.71
CA ASP A 414 11.70 15.14 9.40
C ASP A 414 11.81 16.61 9.03
N LYS A 415 10.87 17.10 8.23
CA LYS A 415 10.84 18.50 7.91
C LYS A 415 10.60 19.36 9.16
N GLN A 416 9.98 18.78 10.20
CA GLN A 416 9.64 19.53 11.42
C GLN A 416 10.85 19.70 12.36
N GLU A 417 11.97 19.06 12.04
CA GLU A 417 13.25 19.25 12.73
C GLU A 417 13.24 18.71 14.16
N ARG A 418 12.42 17.70 14.44
CA ARG A 418 12.30 17.13 15.77
C ARG A 418 12.89 15.74 15.95
N ILE A 419 13.16 15.02 14.87
CA ILE A 419 13.55 13.63 14.96
C ILE A 419 14.95 13.44 14.43
N TYR A 420 15.82 12.86 15.24
CA TYR A 420 17.22 12.68 14.93
C TYR A 420 17.67 11.24 15.13
N ARG A 421 18.58 10.81 14.29
CA ARG A 421 19.14 9.46 14.30
C ARG A 421 20.32 9.33 15.25
N ILE A 422 20.36 8.27 16.03
CA ILE A 422 21.57 7.87 16.78
C ILE A 422 21.97 6.53 16.20
N GLU A 423 23.17 6.45 15.65
CA GLU A 423 23.68 5.25 15.02
C GLU A 423 24.83 4.67 15.81
N PHE A 424 24.82 3.35 15.98
CA PHE A 424 25.81 2.65 16.76
C PHE A 424 26.63 1.73 15.87
N TYR A 425 27.93 1.69 16.13
CA TYR A 425 28.87 0.91 15.31
C TYR A 425 29.80 0.09 16.19
N LYS A 426 30.13 -1.10 15.71
CA LYS A 426 31.08 -1.99 16.35
C LYS A 426 32.04 -2.51 15.29
N ASN A 427 33.31 -2.12 15.35
CA ASN A 427 34.30 -2.62 14.38
C ASN A 427 33.81 -2.72 12.93
N ASN A 428 33.54 -1.56 12.34
CA ASN A 428 33.10 -1.46 10.94
C ASN A 428 31.76 -2.16 10.60
N ALA A 429 31.04 -2.63 11.60
CA ALA A 429 29.67 -3.13 11.41
C ALA A 429 28.71 -2.16 12.07
N PHE A 430 27.47 -2.18 11.62
CA PHE A 430 26.40 -1.36 12.15
C PHE A 430 25.66 -2.13 13.21
N SER A 431 25.58 -1.56 14.40
CA SER A 431 24.98 -2.24 15.57
C SER A 431 23.55 -1.82 15.84
N GLY A 432 23.07 -0.81 15.12
CA GLY A 432 21.69 -0.40 15.23
C GLY A 432 21.46 1.10 15.32
N MET A 433 20.20 1.48 15.33
CA MET A 433 19.78 2.87 15.38
C MET A 433 18.66 3.03 16.39
N ILE A 434 18.69 4.17 17.06
CA ILE A 434 17.62 4.67 17.91
C ILE A 434 17.27 6.06 17.39
N LEU A 435 16.00 6.41 17.36
CA LEU A 435 15.60 7.79 17.05
C LEU A 435 15.27 8.53 18.33
N VAL A 436 15.69 9.79 18.42
CA VAL A 436 15.22 10.68 19.45
C VAL A 436 14.26 11.64 18.83
N LYS A 437 13.11 11.79 19.47
CA LYS A 437 12.12 12.74 19.05
C LYS A 437 11.92 13.77 20.14
N PHE A 438 12.21 15.00 19.79
CA PHE A 438 12.07 16.11 20.73
C PHE A 438 10.62 16.52 20.74
N VAL A 439 10.02 16.44 21.92
CA VAL A 439 8.58 16.73 22.10
C VAL A 439 8.42 17.94 23.00
I IOD B . -0.56 9.26 -6.42
I IOD C . -23.27 13.58 -22.08
I IOD C . -23.69 12.78 -21.53
I IOD D . -28.68 -13.97 -7.28
I IOD E . -3.90 12.57 -2.35
I IOD E . -5.29 12.24 -1.92
I IOD F . 14.89 -3.02 -7.02
I IOD G . 8.82 8.53 -8.09
I IOD G . 8.95 6.87 -8.63
I IOD H . -25.05 9.23 -22.83
I IOD I . 11.70 4.08 -13.02
I IOD J . -12.39 -19.55 5.06
I IOD K . -23.57 -17.42 2.44
I IOD L . -33.32 -7.05 -8.68
I IOD M . 23.73 -8.03 7.05
I IOD N . 19.07 1.27 33.80
I IOD O . 23.86 12.54 7.28
I IOD P . -22.45 -13.02 -23.41
I IOD P . -24.73 -11.20 -21.70
I IOD Q . 18.75 -4.61 -6.22
I IOD R . 4.23 -21.53 -11.08
I IOD S . -16.26 5.46 -29.99
I IOD T . -14.00 -0.36 12.05
I IOD U . 33.70 1.46 14.10
I IOD V . -9.73 14.37 -24.15
I IOD W . -23.54 -19.13 -17.85
I IOD X . -30.30 -14.98 -12.95
I IOD Y . -10.34 16.48 -1.00
I IOD Z . -19.64 2.03 9.63
I IOD AA . -16.00 16.56 1.30
I IOD BA . -11.10 15.32 -4.28
I IOD CA . 8.14 -6.17 -5.29
I IOD DA . -9.00 5.18 -22.07
I IOD EA . 27.15 -6.01 21.84
I IOD FA . 19.21 -11.26 -1.15
I IOD GA . 14.91 -10.09 -5.60
C API HA . -8.82 -3.56 -18.90
CA API HA . -9.62 -2.81 -17.86
C3 API HA . -11.03 -3.39 -17.75
C4 API HA . -11.02 -4.85 -17.35
C5 API HA . -12.41 -5.20 -16.83
C6 API HA . -12.55 -6.69 -16.46
C7 API HA . -11.39 -7.14 -15.56
O API HA . -8.91 -3.20 -20.11
OXT API HA . -8.07 -4.52 -18.54
O3 API HA . -10.67 -8.12 -15.86
O4 API HA . -11.31 -6.57 -14.46
N API HA . -9.78 -1.48 -18.31
N6 API HA . -12.54 -7.53 -17.63
H2 API HA . -9.28 -1.34 -19.06
HA API HA . -9.17 -2.83 -17.00
H31 API HA . -11.48 -3.29 -18.60
H32 API HA . -11.51 -2.88 -17.07
H41 API HA . -10.35 -5.01 -16.65
H42 API HA . -10.81 -5.42 -18.13
H51 API HA . -13.07 -4.99 -17.52
H52 API HA . -12.59 -4.66 -16.04
H6 API HA . -13.38 -6.82 -15.98
H API HA . -9.50 -0.91 -17.65
HN61 API HA . -13.30 -7.37 -18.11
HN62 API HA . -12.51 -8.40 -17.38
#